data_4GCA
#
_entry.id   4GCA
#
_cell.length_a   47.102
_cell.length_b   47.218
_cell.length_c   39.953
_cell.angle_alpha   67.83
_cell.angle_beta   76.96
_cell.angle_gamma   76.15
#
_symmetry.space_group_name_H-M   'P 1'
#
loop_
_entity.id
_entity.type
_entity.pdbx_description
1 polymer 'Aldose reductase'
2 non-polymer 'NADP NICOTINAMIDE-ADENINE-DINUCLEOTIDE PHOSPHATE'
3 non-polymer '{2,6-dimethyl-5-[(4,5,7-trifluoro-1,3-benzothiazol-2-yl)methyl]pyridin-3-yl}acetic acid'
4 water water
#
_entity_poly.entity_id   1
_entity_poly.type   'polypeptide(L)'
_entity_poly.pdbx_seq_one_letter_code
;ASRILLNNGAKMPILGLGTWKSPPGQVTEAVKVAIDVGYRHIDCAHVYQNENEVGVAIQEKLREQVVKREELFIVSKLWC
TYHEKGLVKGACQKTLSDLKLDYLDLYLIHWPTGFKPGKEFFPLDESGNVVPSDTNILDTWAAMEELVDEGLVKAIGISN
FNHLQVEMILNKPGLKYKPAVNQIECHPYLTQEKLIQYCQSKGIVVTAYSPLGSPDRPWAKPEDPSLLEDPRIKAIAAKH
NKTTAQVLIRFPMQRNLVVIPKSVTPERIAENFKVFDFELSSQDMTTLLSYNRNWRVCALLSCTSHKDYPFHEEF
;
_entity_poly.pdbx_strand_id   A
#
loop_
_chem_comp.id
_chem_comp.type
_chem_comp.name
_chem_comp.formula
2X9 non-polymer '{2,6-dimethyl-5-[(4,5,7-trifluoro-1,3-benzothiazol-2-yl)methyl]pyridin-3-yl}acetic acid' 'C17 H13 F3 N2 O2 S'
NAP non-polymer 'NADP NICOTINAMIDE-ADENINE-DINUCLEOTIDE PHOSPHATE' 'C21 H28 N7 O17 P3'
#
# COMPACT_ATOMS: atom_id res chain seq x y z
N ALA A 1 -17.12 5.34 10.23
CA ALA A 1 -17.26 4.06 9.52
C ALA A 1 -15.93 3.35 9.37
N SER A 2 -15.95 2.04 9.50
CA SER A 2 -14.72 1.26 9.46
C SER A 2 -14.29 0.88 8.05
N ARG A 3 -15.16 1.07 7.07
CA ARG A 3 -14.84 0.74 5.68
C ARG A 3 -15.17 1.92 4.75
N ILE A 4 -14.51 1.95 3.60
N ILE A 4 -14.46 1.97 3.63
CA ILE A 4 -14.71 2.97 2.60
CA ILE A 4 -14.68 2.98 2.58
C ILE A 4 -15.12 2.30 1.29
C ILE A 4 -15.14 2.29 1.30
N LEU A 5 -16.09 2.90 0.61
CA LEU A 5 -16.63 2.34 -0.62
C LEU A 5 -15.68 2.58 -1.80
N LEU A 6 -15.39 1.49 -2.52
N LEU A 6 -15.29 1.48 -2.45
CA LEU A 6 -14.60 1.55 -3.76
CA LEU A 6 -14.44 1.58 -3.62
C LEU A 6 -15.49 1.60 -5.00
C LEU A 6 -15.32 1.72 -4.85
N ASN A 7 -14.87 1.80 -6.16
N ASN A 7 -14.75 2.28 -5.92
CA ASN A 7 -15.60 1.99 -7.42
CA ASN A 7 -15.49 2.46 -7.15
C ASN A 7 -16.24 0.73 -8.00
C ASN A 7 -15.79 1.16 -7.90
N ASN A 8 -15.97 -0.41 -7.39
N ASN A 8 -15.53 0.04 -7.24
CA ASN A 8 -16.56 -1.69 -7.79
CA ASN A 8 -15.94 -1.26 -7.78
C ASN A 8 -17.71 -2.08 -6.88
C ASN A 8 -17.13 -1.82 -7.01
N GLY A 9 -18.08 -1.17 -5.98
N GLY A 9 -17.63 -1.05 -6.06
CA GLY A 9 -19.14 -1.43 -5.04
CA GLY A 9 -18.78 -1.46 -5.26
C GLY A 9 -18.73 -2.21 -3.81
C GLY A 9 -18.45 -2.09 -3.92
N ALA A 10 -17.44 -2.55 -3.70
N ALA A 10 -17.22 -2.59 -3.78
CA ALA A 10 -16.94 -3.26 -2.53
CA ALA A 10 -16.80 -3.27 -2.55
C ALA A 10 -16.49 -2.25 -1.46
C ALA A 10 -16.36 -2.28 -1.47
N LYS A 11 -16.45 -2.72 -0.22
CA LYS A 11 -16.04 -1.89 0.90
C LYS A 11 -14.67 -2.35 1.42
N MET A 12 -13.79 -1.39 1.61
CA MET A 12 -12.41 -1.64 2.01
C MET A 12 -12.18 -1.16 3.43
N PRO A 13 -11.71 -2.04 4.33
CA PRO A 13 -11.44 -1.56 5.70
C PRO A 13 -10.38 -0.48 5.70
N ILE A 14 -10.65 0.58 6.46
CA ILE A 14 -9.75 1.72 6.50
C ILE A 14 -8.48 1.48 7.29
N LEU A 15 -8.45 0.42 8.09
CA LEU A 15 -7.25 0.06 8.82
C LEU A 15 -6.84 -1.34 8.36
N GLY A 16 -5.60 -1.48 7.91
CA GLY A 16 -5.06 -2.76 7.55
C GLY A 16 -3.69 -2.99 8.17
N LEU A 17 -3.23 -4.24 8.09
CA LEU A 17 -1.92 -4.63 8.58
C LEU A 17 -0.90 -4.64 7.44
N GLY A 18 0.16 -3.86 7.60
CA GLY A 18 1.27 -3.91 6.68
C GLY A 18 2.19 -5.10 6.93
N THR A 19 2.87 -5.55 5.88
CA THR A 19 3.71 -6.75 5.97
C THR A 19 5.10 -6.60 5.33
N TRP A 20 5.48 -5.41 4.88
CA TRP A 20 6.85 -5.22 4.39
C TRP A 20 7.80 -5.31 5.58
N LYS A 21 8.83 -6.15 5.46
CA LYS A 21 9.86 -6.35 6.48
C LYS A 21 9.36 -7.21 7.62
N SER A 22 8.19 -7.85 7.47
CA SER A 22 7.74 -8.81 8.45
C SER A 22 8.38 -10.14 8.09
N PRO A 23 9.36 -10.58 8.88
CA PRO A 23 10.11 -11.74 8.42
C PRO A 23 9.21 -12.96 8.37
N PRO A 24 9.46 -13.83 7.39
CA PRO A 24 8.72 -15.07 7.20
C PRO A 24 8.61 -15.83 8.51
N GLY A 25 9.67 -15.86 9.29
N GLY A 25 9.67 -15.83 9.31
CA GLY A 25 9.65 -16.62 10.52
CA GLY A 25 9.66 -16.56 10.56
C GLY A 25 8.80 -16.00 11.61
C GLY A 25 8.85 -15.94 11.68
N GLN A 26 8.36 -14.76 11.39
N GLN A 26 8.24 -14.79 11.43
CA GLN A 26 7.60 -14.01 12.37
CA GLN A 26 7.43 -14.10 12.43
C GLN A 26 6.19 -13.52 11.94
C GLN A 26 6.03 -13.71 11.94
N VAL A 27 5.90 -13.50 10.64
CA VAL A 27 4.67 -12.91 10.09
C VAL A 27 3.41 -13.77 10.21
N THR A 28 3.57 -15.08 10.25
CA THR A 28 2.39 -15.95 10.41
C THR A 28 1.69 -15.62 11.72
N GLU A 29 2.47 -15.51 12.79
N GLU A 29 2.47 -15.51 12.80
CA GLU A 29 1.89 -15.20 14.09
CA GLU A 29 1.86 -15.18 14.09
C GLU A 29 1.31 -13.79 14.09
C GLU A 29 1.29 -13.78 14.08
N ALA A 30 1.96 -12.85 13.41
CA ALA A 30 1.49 -11.48 13.35
C ALA A 30 0.10 -11.41 12.73
N VAL A 31 -0.07 -12.13 11.63
CA VAL A 31 -1.34 -12.12 10.93
C VAL A 31 -2.42 -12.84 11.74
N LYS A 32 -2.06 -13.95 12.39
CA LYS A 32 -3.01 -14.64 13.26
C LYS A 32 -3.52 -13.71 14.38
N VAL A 33 -2.61 -13.05 15.07
CA VAL A 33 -2.97 -12.12 16.12
C VAL A 33 -3.81 -10.97 15.57
N ALA A 34 -3.39 -10.42 14.42
CA ALA A 34 -4.12 -9.33 13.82
C ALA A 34 -5.58 -9.73 13.56
N ILE A 35 -5.79 -10.89 12.96
CA ILE A 35 -7.14 -11.35 12.70
C ILE A 35 -7.91 -11.52 14.03
N ASP A 36 -7.26 -12.09 15.04
CA ASP A 36 -7.92 -12.27 16.33
C ASP A 36 -8.41 -10.95 16.93
N VAL A 37 -7.64 -9.87 16.76
CA VAL A 37 -8.00 -8.61 17.39
C VAL A 37 -8.83 -7.69 16.50
N GLY A 38 -9.13 -8.13 15.29
CA GLY A 38 -10.10 -7.44 14.48
C GLY A 38 -9.65 -6.96 13.12
N TYR A 39 -8.36 -7.07 12.79
CA TYR A 39 -7.95 -6.66 11.45
C TYR A 39 -8.62 -7.57 10.42
N ARG A 40 -9.06 -6.94 9.32
CA ARG A 40 -9.69 -7.67 8.23
C ARG A 40 -9.01 -7.37 6.89
N HIS A 41 -8.12 -6.40 6.88
CA HIS A 41 -7.40 -5.96 5.68
C HIS A 41 -5.93 -6.22 5.93
N ILE A 42 -5.30 -6.95 5.01
CA ILE A 42 -3.87 -7.23 5.06
C ILE A 42 -3.26 -6.72 3.76
N ASP A 43 -2.20 -5.91 3.88
CA ASP A 43 -1.47 -5.38 2.75
C ASP A 43 -0.23 -6.25 2.50
N CYS A 44 -0.18 -6.85 1.31
CA CYS A 44 0.84 -7.83 0.95
C CYS A 44 1.56 -7.39 -0.30
N ALA A 45 2.64 -8.09 -0.62
CA ALA A 45 3.27 -7.96 -1.93
C ALA A 45 4.19 -9.12 -2.19
N HIS A 46 4.30 -9.53 -3.47
CA HIS A 46 5.25 -10.57 -3.82
C HIS A 46 6.67 -10.20 -3.40
N VAL A 47 7.05 -8.93 -3.59
CA VAL A 47 8.41 -8.51 -3.29
C VAL A 47 8.74 -8.59 -1.79
N TYR A 48 7.73 -8.71 -0.93
CA TYR A 48 7.99 -8.80 0.51
C TYR A 48 8.50 -10.17 0.94
N GLN A 49 8.44 -11.17 0.06
CA GLN A 49 9.06 -12.47 0.26
C GLN A 49 8.45 -13.27 1.41
N ASN A 50 7.20 -12.97 1.74
CA ASN A 50 6.55 -13.59 2.88
C ASN A 50 5.08 -13.92 2.60
N GLU A 51 4.66 -13.89 1.34
CA GLU A 51 3.26 -14.17 1.06
C GLU A 51 2.85 -15.60 1.44
N ASN A 52 3.74 -16.57 1.29
N ASN A 52 3.76 -16.56 1.31
CA ASN A 52 3.39 -17.92 1.73
CA ASN A 52 3.46 -17.93 1.71
C ASN A 52 2.99 -17.93 3.20
C ASN A 52 3.06 -17.99 3.20
N GLU A 53 3.80 -17.26 4.02
CA GLU A 53 3.59 -17.27 5.46
C GLU A 53 2.36 -16.45 5.89
N VAL A 54 2.07 -15.38 5.14
CA VAL A 54 0.80 -14.69 5.33
C VAL A 54 -0.37 -15.65 5.00
N GLY A 55 -0.22 -16.36 3.88
CA GLY A 55 -1.24 -17.30 3.44
C GLY A 55 -1.53 -18.40 4.47
N VAL A 56 -0.48 -18.91 5.10
CA VAL A 56 -0.59 -19.91 6.16
C VAL A 56 -1.48 -19.40 7.29
N ALA A 57 -1.27 -18.15 7.70
CA ALA A 57 -2.03 -17.56 8.79
C ALA A 57 -3.50 -17.41 8.42
N ILE A 58 -3.75 -16.90 7.22
CA ILE A 58 -5.10 -16.73 6.75
C ILE A 58 -5.81 -18.09 6.70
N GLN A 59 -5.13 -19.09 6.14
CA GLN A 59 -5.71 -20.43 6.05
C GLN A 59 -6.06 -20.99 7.43
N GLU A 60 -5.15 -20.82 8.38
N GLU A 60 -5.17 -20.83 8.40
CA GLU A 60 -5.34 -21.30 9.75
CA GLU A 60 -5.45 -21.36 9.73
C GLU A 60 -6.61 -20.68 10.35
C GLU A 60 -6.66 -20.69 10.36
N LYS A 61 -6.79 -19.37 10.19
CA LYS A 61 -7.91 -18.67 10.79
C LYS A 61 -9.24 -18.97 10.09
N LEU A 62 -9.17 -19.21 8.78
CA LEU A 62 -10.33 -19.72 8.06
C LEU A 62 -10.74 -21.09 8.61
N ARG A 63 -9.78 -22.00 8.77
CA ARG A 63 -10.06 -23.34 9.29
C ARG A 63 -10.55 -23.37 10.73
N GLU A 64 -10.10 -22.42 11.55
CA GLU A 64 -10.54 -22.28 12.96
C GLU A 64 -11.94 -21.69 13.10
N GLN A 65 -12.49 -21.21 11.99
CA GLN A 65 -13.82 -20.56 11.94
C GLN A 65 -13.81 -19.19 12.60
N VAL A 66 -12.67 -18.51 12.56
CA VAL A 66 -12.55 -17.18 13.16
C VAL A 66 -13.11 -16.10 12.25
N VAL A 67 -12.88 -16.31 10.95
N VAL A 67 -12.89 -16.31 10.94
CA VAL A 67 -13.36 -15.43 9.89
CA VAL A 67 -13.30 -15.35 9.90
C VAL A 67 -13.72 -16.27 8.69
C VAL A 67 -13.55 -16.14 8.61
N LYS A 68 -14.50 -15.69 7.79
CA LYS A 68 -14.72 -16.29 6.48
C LYS A 68 -14.05 -15.39 5.43
N ARG A 69 -13.80 -15.96 4.26
CA ARG A 69 -13.06 -15.26 3.24
C ARG A 69 -13.67 -13.92 2.85
N GLU A 70 -15.00 -13.87 2.77
CA GLU A 70 -15.70 -12.67 2.32
C GLU A 70 -15.47 -11.47 3.25
N GLU A 71 -15.14 -11.76 4.51
CA GLU A 71 -14.88 -10.72 5.51
C GLU A 71 -13.47 -10.13 5.44
N LEU A 72 -12.58 -10.81 4.74
CA LEU A 72 -11.21 -10.35 4.61
C LEU A 72 -11.06 -9.50 3.35
N PHE A 73 -10.10 -8.58 3.41
CA PHE A 73 -9.77 -7.71 2.30
C PHE A 73 -8.27 -7.83 2.09
N ILE A 74 -7.90 -8.65 1.11
CA ILE A 74 -6.50 -8.98 0.89
C ILE A 74 -6.01 -8.23 -0.34
N VAL A 75 -4.92 -7.48 -0.13
CA VAL A 75 -4.30 -6.65 -1.15
C VAL A 75 -2.94 -7.22 -1.48
N SER A 76 -2.61 -7.31 -2.77
CA SER A 76 -1.23 -7.54 -3.15
C SER A 76 -0.88 -6.65 -4.33
N LYS A 77 0.35 -6.81 -4.83
CA LYS A 77 0.91 -5.85 -5.77
C LYS A 77 1.82 -6.59 -6.75
N LEU A 78 1.75 -6.12 -8.00
CA LEU A 78 2.55 -6.60 -9.12
C LEU A 78 3.94 -5.97 -9.06
N TRP A 79 4.98 -6.79 -8.90
CA TRP A 79 6.32 -6.23 -8.80
C TRP A 79 6.82 -5.71 -10.16
N CYS A 80 7.82 -4.83 -10.08
CA CYS A 80 8.34 -4.08 -11.22
C CYS A 80 8.91 -4.95 -12.32
N THR A 81 9.40 -6.13 -11.99
CA THR A 81 10.01 -7.02 -12.98
C THR A 81 8.97 -7.82 -13.76
N TYR A 82 7.67 -7.56 -13.52
N TYR A 82 7.69 -7.54 -13.52
CA TYR A 82 6.59 -8.28 -14.18
CA TYR A 82 6.59 -8.26 -14.16
C TYR A 82 5.64 -7.36 -14.96
C TYR A 82 5.62 -7.32 -14.87
N HIS A 83 6.11 -6.18 -15.36
CA HIS A 83 5.21 -5.25 -16.05
C HIS A 83 4.82 -5.65 -17.47
N GLU A 84 5.61 -6.52 -18.10
CA GLU A 84 5.29 -6.97 -19.46
C GLU A 84 3.92 -7.63 -19.46
N LYS A 85 3.10 -7.30 -20.45
CA LYS A 85 1.74 -7.80 -20.50
C LYS A 85 1.69 -9.33 -20.35
N GLY A 86 2.65 -10.04 -20.94
CA GLY A 86 2.68 -11.49 -20.87
C GLY A 86 3.11 -12.10 -19.55
N LEU A 87 3.58 -11.25 -18.62
CA LEU A 87 4.03 -11.72 -17.31
C LEU A 87 3.05 -11.45 -16.18
N VAL A 88 2.09 -10.57 -16.43
CA VAL A 88 1.22 -10.08 -15.36
C VAL A 88 0.34 -11.18 -14.75
N LYS A 89 -0.31 -11.99 -15.58
CA LYS A 89 -1.19 -13.01 -15.05
C LYS A 89 -0.42 -14.02 -14.19
N GLY A 90 0.75 -14.45 -14.66
CA GLY A 90 1.53 -15.40 -13.90
C GLY A 90 1.99 -14.82 -12.56
N ALA A 91 2.32 -13.54 -12.55
CA ALA A 91 2.72 -12.91 -11.30
C ALA A 91 1.56 -12.88 -10.30
N CYS A 92 0.37 -12.56 -10.80
CA CYS A 92 -0.81 -12.55 -9.96
C CYS A 92 -1.10 -13.96 -9.45
N GLN A 93 -1.02 -14.95 -10.33
CA GLN A 93 -1.30 -16.33 -9.95
C GLN A 93 -0.30 -16.86 -8.94
N LYS A 94 0.96 -16.43 -9.02
CA LYS A 94 1.96 -16.82 -8.03
C LYS A 94 1.59 -16.26 -6.65
N THR A 95 1.22 -15.00 -6.62
CA THR A 95 0.72 -14.40 -5.39
C THR A 95 -0.50 -15.13 -4.85
N LEU A 96 -1.47 -15.45 -5.71
CA LEU A 96 -2.66 -16.18 -5.27
C LEU A 96 -2.29 -17.54 -4.70
N SER A 97 -1.40 -18.25 -5.38
CA SER A 97 -0.95 -19.56 -4.92
C SER A 97 -0.26 -19.47 -3.57
N ASP A 98 0.64 -18.51 -3.42
CA ASP A 98 1.35 -18.33 -2.15
C ASP A 98 0.39 -17.98 -1.02
N LEU A 99 -0.56 -17.09 -1.30
CA LEU A 99 -1.54 -16.68 -0.30
C LEU A 99 -2.62 -17.73 -0.06
N LYS A 100 -2.64 -18.77 -0.90
N LYS A 100 -2.64 -18.79 -0.88
CA LYS A 100 -3.65 -19.84 -0.86
CA LYS A 100 -3.67 -19.82 -0.79
C LYS A 100 -5.08 -19.34 -1.09
C LYS A 100 -5.06 -19.23 -0.97
N LEU A 101 -5.19 -18.32 -1.93
CA LEU A 101 -6.46 -17.68 -2.21
C LEU A 101 -6.88 -17.91 -3.64
N ASP A 102 -8.18 -17.80 -3.92
N ASP A 102 -8.17 -17.75 -3.88
CA ASP A 102 -8.65 -17.85 -5.30
CA ASP A 102 -8.77 -17.87 -5.21
C ASP A 102 -9.04 -16.50 -5.88
C ASP A 102 -8.86 -16.51 -5.88
N TYR A 103 -8.94 -15.45 -5.08
CA TYR A 103 -9.02 -14.09 -5.61
C TYR A 103 -8.36 -13.14 -4.63
N LEU A 104 -7.95 -11.99 -5.16
CA LEU A 104 -7.55 -10.85 -4.35
C LEU A 104 -8.66 -9.81 -4.33
N ASP A 105 -8.82 -9.11 -3.21
CA ASP A 105 -9.74 -8.00 -3.17
C ASP A 105 -9.25 -6.78 -3.94
N LEU A 106 -7.92 -6.60 -3.98
CA LEU A 106 -7.32 -5.46 -4.66
C LEU A 106 -5.93 -5.86 -5.10
N TYR A 107 -5.59 -5.52 -6.33
CA TYR A 107 -4.25 -5.79 -6.86
C TYR A 107 -3.72 -4.49 -7.45
N LEU A 108 -2.53 -4.11 -7.02
CA LEU A 108 -1.94 -2.82 -7.38
C LEU A 108 -0.74 -2.98 -8.29
N ILE A 109 -0.56 -2.04 -9.23
CA ILE A 109 0.76 -1.87 -9.84
C ILE A 109 1.65 -1.26 -8.75
N HIS A 110 2.67 -1.99 -8.32
CA HIS A 110 3.40 -1.64 -7.10
C HIS A 110 4.13 -0.31 -7.23
N TRP A 111 4.79 -0.12 -8.38
CA TRP A 111 5.47 1.12 -8.73
C TRP A 111 5.24 1.35 -10.22
N PRO A 112 5.28 2.61 -10.68
CA PRO A 112 5.05 2.85 -12.11
C PRO A 112 6.21 2.39 -13.00
N THR A 113 7.35 2.11 -12.42
CA THR A 113 8.57 1.76 -13.12
C THR A 113 8.65 0.26 -13.41
N GLY A 114 8.78 -0.10 -14.68
CA GLY A 114 9.08 -1.46 -15.05
C GLY A 114 10.58 -1.72 -15.04
N PHE A 115 10.99 -2.85 -14.49
CA PHE A 115 12.38 -3.27 -14.43
C PHE A 115 12.57 -4.49 -15.31
N LYS A 116 13.81 -4.66 -15.77
CA LYS A 116 14.18 -5.82 -16.57
C LYS A 116 13.67 -7.11 -15.95
N PRO A 117 12.98 -7.93 -16.73
N PRO A 117 12.94 -7.92 -16.73
CA PRO A 117 12.48 -9.19 -16.15
CA PRO A 117 12.52 -9.23 -16.23
C PRO A 117 13.64 -10.16 -15.89
C PRO A 117 13.71 -10.09 -15.81
N GLY A 118 13.50 -10.94 -14.84
CA GLY A 118 14.55 -11.83 -14.37
C GLY A 118 14.35 -12.15 -12.90
N LYS A 119 15.27 -12.91 -12.32
CA LYS A 119 15.13 -13.38 -10.95
C LYS A 119 15.26 -12.26 -9.91
N GLU A 120 16.16 -11.31 -10.18
N GLU A 120 16.16 -11.31 -10.18
CA GLU A 120 16.44 -10.24 -9.25
CA GLU A 120 16.45 -10.25 -9.23
C GLU A 120 15.32 -9.21 -9.19
C GLU A 120 15.34 -9.20 -9.19
N PHE A 121 14.93 -8.83 -7.98
CA PHE A 121 13.89 -7.83 -7.81
C PHE A 121 14.35 -6.44 -8.23
N PHE A 122 15.64 -6.16 -8.02
CA PHE A 122 16.24 -4.88 -8.35
C PHE A 122 17.46 -5.15 -9.24
N PRO A 123 17.22 -5.42 -10.53
CA PRO A 123 18.35 -5.71 -11.42
C PRO A 123 19.14 -4.43 -11.65
N LEU A 124 20.44 -4.51 -11.39
CA LEU A 124 21.32 -3.37 -11.54
C LEU A 124 22.33 -3.62 -12.62
N ASP A 125 22.76 -2.55 -13.28
CA ASP A 125 23.88 -2.67 -14.16
C ASP A 125 25.18 -2.59 -13.36
N GLU A 126 26.32 -2.68 -14.05
CA GLU A 126 27.60 -2.75 -13.35
C GLU A 126 27.94 -1.46 -12.61
N SER A 127 27.20 -0.40 -12.91
N SER A 127 27.22 -0.38 -12.88
CA SER A 127 27.41 0.89 -12.26
CA SER A 127 27.48 0.87 -12.19
C SER A 127 26.30 1.27 -11.28
C SER A 127 26.42 1.21 -11.14
N GLY A 128 25.45 0.32 -10.95
CA GLY A 128 24.46 0.50 -9.91
C GLY A 128 23.13 1.12 -10.31
N ASN A 129 22.94 1.39 -11.59
CA ASN A 129 21.64 1.89 -12.06
C ASN A 129 20.67 0.75 -12.21
N VAL A 130 19.40 0.97 -11.84
CA VAL A 130 18.40 -0.04 -12.12
C VAL A 130 18.27 -0.21 -13.63
N VAL A 131 18.09 -1.45 -14.04
CA VAL A 131 17.91 -1.72 -15.45
C VAL A 131 16.41 -1.72 -15.74
N PRO A 132 15.94 -0.77 -16.55
N PRO A 132 15.94 -0.77 -16.55
CA PRO A 132 14.51 -0.69 -16.86
CA PRO A 132 14.50 -0.72 -16.80
C PRO A 132 14.07 -1.75 -17.85
C PRO A 132 14.07 -1.81 -17.77
N SER A 133 12.76 -1.98 -17.91
CA SER A 133 12.19 -2.71 -19.02
C SER A 133 11.47 -1.75 -19.96
N ASP A 134 11.34 -2.20 -21.20
N ASP A 134 11.29 -2.16 -21.21
CA ASP A 134 10.59 -1.49 -22.22
CA ASP A 134 10.62 -1.30 -22.20
C ASP A 134 9.10 -1.77 -22.03
C ASP A 134 9.09 -1.36 -22.15
N THR A 135 8.57 -1.23 -20.95
CA THR A 135 7.15 -1.32 -20.65
C THR A 135 6.63 0.08 -20.32
N ASN A 136 5.32 0.24 -20.43
CA ASN A 136 4.70 1.51 -20.16
C ASN A 136 3.46 1.33 -19.30
N ILE A 137 3.06 2.41 -18.66
CA ILE A 137 1.97 2.40 -17.72
C ILE A 137 0.67 1.90 -18.34
N LEU A 138 0.35 2.38 -19.53
CA LEU A 138 -0.94 2.05 -20.13
C LEU A 138 -1.05 0.57 -20.49
N ASP A 139 0.01 -0.01 -21.04
CA ASP A 139 -0.03 -1.43 -21.39
C ASP A 139 -0.07 -2.29 -20.13
N THR A 140 0.66 -1.91 -19.10
CA THR A 140 0.59 -2.66 -17.86
C THR A 140 -0.82 -2.57 -17.26
N TRP A 141 -1.42 -1.38 -17.33
CA TRP A 141 -2.79 -1.22 -16.84
C TRP A 141 -3.78 -2.14 -17.60
N ALA A 142 -3.65 -2.21 -18.92
CA ALA A 142 -4.52 -3.08 -19.69
C ALA A 142 -4.40 -4.53 -19.23
N ALA A 143 -3.18 -4.95 -18.90
CA ALA A 143 -2.97 -6.30 -18.40
C ALA A 143 -3.62 -6.50 -17.04
N MET A 144 -3.58 -5.49 -16.18
CA MET A 144 -4.27 -5.53 -14.90
C MET A 144 -5.78 -5.67 -15.09
N GLU A 145 -6.33 -4.96 -16.06
CA GLU A 145 -7.77 -5.00 -16.32
C GLU A 145 -8.21 -6.41 -16.67
N GLU A 146 -7.38 -7.15 -17.40
CA GLU A 146 -7.70 -8.52 -17.76
C GLU A 146 -7.88 -9.40 -16.52
N LEU A 147 -7.13 -9.13 -15.46
CA LEU A 147 -7.26 -9.89 -14.22
C LEU A 147 -8.63 -9.75 -13.59
N VAL A 148 -9.22 -8.56 -13.69
CA VAL A 148 -10.57 -8.35 -13.18
C VAL A 148 -11.56 -9.12 -14.06
N ASP A 149 -11.40 -9.02 -15.37
CA ASP A 149 -12.29 -9.71 -16.30
C ASP A 149 -12.25 -11.24 -16.13
N GLU A 150 -11.12 -11.76 -15.66
CA GLU A 150 -10.94 -13.20 -15.44
C GLU A 150 -11.29 -13.65 -14.03
N GLY A 151 -11.66 -12.72 -13.16
CA GLY A 151 -12.09 -13.07 -11.82
C GLY A 151 -10.98 -13.33 -10.82
N LEU A 152 -9.73 -13.04 -11.19
CA LEU A 152 -8.61 -13.24 -10.28
C LEU A 152 -8.57 -12.18 -9.19
N VAL A 153 -9.03 -10.98 -9.52
CA VAL A 153 -8.99 -9.86 -8.59
C VAL A 153 -10.30 -9.07 -8.73
N LYS A 154 -10.76 -8.51 -7.62
CA LYS A 154 -12.02 -7.78 -7.61
C LYS A 154 -11.88 -6.31 -7.99
N ALA A 155 -10.71 -5.74 -7.73
CA ALA A 155 -10.43 -4.35 -8.02
C ALA A 155 -8.96 -4.23 -8.31
N ILE A 156 -8.61 -3.23 -9.11
CA ILE A 156 -7.23 -2.93 -9.40
C ILE A 156 -6.93 -1.47 -9.08
N GLY A 157 -5.67 -1.21 -8.79
CA GLY A 157 -5.22 0.12 -8.48
C GLY A 157 -3.74 0.28 -8.72
N ILE A 158 -3.20 1.37 -8.19
CA ILE A 158 -1.83 1.76 -8.43
C ILE A 158 -1.18 2.16 -7.12
N SER A 159 0.13 2.30 -7.16
CA SER A 159 0.86 2.69 -5.98
C SER A 159 2.09 3.47 -6.43
N ASN A 160 2.40 4.54 -5.68
CA ASN A 160 3.54 5.40 -6.02
C ASN A 160 3.41 6.06 -7.37
N PHE A 161 2.17 6.31 -7.81
CA PHE A 161 1.96 7.05 -9.04
C PHE A 161 1.76 8.53 -8.71
N ASN A 162 2.45 9.38 -9.46
CA ASN A 162 2.23 10.82 -9.34
C ASN A 162 0.97 11.21 -10.10
N HIS A 163 0.52 12.44 -9.96
CA HIS A 163 -0.79 12.78 -10.52
C HIS A 163 -0.82 12.69 -12.04
N LEU A 164 0.31 12.97 -12.70
CA LEU A 164 0.36 12.86 -14.15
C LEU A 164 0.28 11.40 -14.59
N GLN A 165 0.87 10.51 -13.82
CA GLN A 165 0.81 9.09 -14.11
C GLN A 165 -0.60 8.54 -13.90
N VAL A 166 -1.27 8.99 -12.85
CA VAL A 166 -2.67 8.64 -12.65
C VAL A 166 -3.49 9.16 -13.83
N GLU A 167 -3.26 10.42 -14.20
CA GLU A 167 -3.96 11.05 -15.30
C GLU A 167 -3.83 10.25 -16.59
N MET A 168 -2.64 9.72 -16.83
CA MET A 168 -2.40 8.91 -18.02
C MET A 168 -3.39 7.76 -18.13
N ILE A 169 -3.62 7.07 -17.02
CA ILE A 169 -4.59 5.99 -17.00
C ILE A 169 -6.03 6.52 -17.15
N LEU A 170 -6.37 7.54 -16.37
N LEU A 170 -6.35 7.56 -16.41
CA LEU A 170 -7.72 8.08 -16.38
CA LEU A 170 -7.69 8.16 -16.45
C LEU A 170 -8.16 8.51 -17.76
C LEU A 170 -8.07 8.66 -17.84
N ASN A 171 -7.21 9.06 -18.52
N ASN A 171 -7.08 9.06 -18.63
CA ASN A 171 -7.53 9.67 -19.80
CA ASN A 171 -7.33 9.58 -19.97
C ASN A 171 -7.56 8.73 -21.00
C ASN A 171 -7.17 8.54 -21.07
N LYS A 172 -7.17 7.48 -20.79
N LYS A 172 -7.25 7.27 -20.71
CA LYS A 172 -7.15 6.52 -21.89
CA LYS A 172 -7.20 6.20 -21.70
C LYS A 172 -8.55 6.28 -22.46
C LYS A 172 -8.57 6.02 -22.32
N PRO A 173 -8.76 6.60 -23.75
N PRO A 173 -8.67 6.24 -23.64
CA PRO A 173 -10.02 6.17 -24.36
CA PRO A 173 -9.94 6.16 -24.38
C PRO A 173 -10.00 4.65 -24.40
C PRO A 173 -10.64 4.81 -24.22
N GLY A 174 -11.12 4.02 -24.08
N GLY A 174 -9.85 3.73 -24.17
CA GLY A 174 -11.15 2.58 -24.03
CA GLY A 174 -10.40 2.41 -24.02
C GLY A 174 -10.75 2.00 -22.68
C GLY A 174 -10.32 1.90 -22.59
N LEU A 175 -10.48 2.88 -21.70
N LEU A 175 -10.31 2.82 -21.63
CA LEU A 175 -10.26 2.44 -20.32
CA LEU A 175 -10.24 2.47 -20.21
C LEU A 175 -11.40 1.52 -19.93
C LEU A 175 -11.41 1.58 -19.79
N LYS A 176 -11.08 0.38 -19.32
CA LYS A 176 -12.11 -0.57 -18.90
C LYS A 176 -12.46 -0.44 -17.41
N TYR A 177 -11.44 -0.25 -16.59
CA TYR A 177 -11.60 -0.05 -15.15
C TYR A 177 -10.75 1.11 -14.68
N LYS A 178 -11.36 2.06 -13.97
N LYS A 178 -11.39 1.98 -13.91
CA LYS A 178 -10.55 3.10 -13.32
CA LYS A 178 -10.71 3.06 -13.25
C LYS A 178 -9.83 2.52 -12.12
C LYS A 178 -9.96 2.52 -12.05
N PRO A 179 -8.63 3.03 -11.83
N PRO A 179 -8.74 3.02 -11.80
CA PRO A 179 -7.99 2.63 -10.58
CA PRO A 179 -8.00 2.60 -10.60
C PRO A 179 -8.91 2.93 -9.40
C PRO A 179 -8.78 2.96 -9.34
N ALA A 180 -8.99 1.96 -8.48
CA ALA A 180 -9.82 2.13 -7.30
C ALA A 180 -9.09 2.86 -6.18
N VAL A 181 -7.77 2.68 -6.14
CA VAL A 181 -6.91 3.08 -5.04
C VAL A 181 -5.56 3.54 -5.61
N ASN A 182 -4.97 4.56 -5.00
CA ASN A 182 -3.55 4.88 -5.14
C ASN A 182 -2.96 4.81 -3.74
N GLN A 183 -2.00 3.89 -3.57
CA GLN A 183 -1.33 3.70 -2.29
C GLN A 183 0.01 4.44 -2.32
N ILE A 184 0.16 5.40 -1.40
CA ILE A 184 1.30 6.31 -1.39
C ILE A 184 1.82 6.51 0.01
N GLU A 185 3.09 6.91 0.12
CA GLU A 185 3.66 7.23 1.41
C GLU A 185 2.94 8.44 1.99
N CYS A 186 2.56 8.42 3.26
CA CYS A 186 1.88 9.57 3.83
CA CYS A 186 1.87 9.57 3.82
C CYS A 186 1.96 9.54 5.34
N HIS A 187 2.42 10.65 5.92
CA HIS A 187 2.60 10.78 7.36
C HIS A 187 2.85 12.27 7.63
N PRO A 188 2.98 12.67 8.91
CA PRO A 188 3.11 14.11 9.16
C PRO A 188 4.31 14.80 8.54
N TYR A 189 5.35 14.06 8.13
CA TYR A 189 6.49 14.71 7.51
C TYR A 189 6.36 14.74 5.97
N LEU A 190 5.36 14.04 5.44
CA LEU A 190 5.07 14.00 4.00
C LEU A 190 3.55 13.89 3.87
N THR A 191 2.88 15.02 4.00
CA THR A 191 1.44 15.03 4.17
C THR A 191 0.65 14.86 2.87
N GLN A 192 1.28 15.02 1.73
CA GLN A 192 0.67 14.70 0.43
C GLN A 192 -0.60 15.48 0.13
N GLU A 193 -0.68 16.74 0.56
CA GLU A 193 -1.92 17.47 0.39
C GLU A 193 -2.37 17.50 -1.08
N LYS A 194 -1.47 17.83 -2.00
CA LYS A 194 -1.87 17.97 -3.39
C LYS A 194 -2.27 16.66 -4.06
N LEU A 195 -1.50 15.61 -3.82
CA LEU A 195 -1.84 14.34 -4.44
C LEU A 195 -3.12 13.75 -3.84
N ILE A 196 -3.32 13.92 -2.54
CA ILE A 196 -4.56 13.46 -1.93
C ILE A 196 -5.76 14.22 -2.49
N GLN A 197 -5.64 15.54 -2.60
N GLN A 197 -5.64 15.54 -2.55
CA GLN A 197 -6.74 16.31 -3.17
CA GLN A 197 -6.71 16.36 -3.10
C GLN A 197 -7.05 15.83 -4.58
C GLN A 197 -7.01 15.97 -4.53
N TYR A 198 -6.00 15.65 -5.38
N TYR A 198 -5.98 15.65 -5.30
CA TYR A 198 -6.15 15.19 -6.75
CA TYR A 198 -6.17 15.22 -6.67
C TYR A 198 -6.87 13.84 -6.83
C TYR A 198 -6.92 13.89 -6.72
N CYS A 199 -6.38 12.88 -6.06
CA CYS A 199 -6.97 11.55 -6.10
C CYS A 199 -8.41 11.55 -5.60
N GLN A 200 -8.66 12.21 -4.48
CA GLN A 200 -9.99 12.22 -3.92
C GLN A 200 -10.98 12.92 -4.86
N SER A 201 -10.51 13.95 -5.56
CA SER A 201 -11.35 14.67 -6.53
C SER A 201 -11.71 13.80 -7.74
N LYS A 202 -10.89 12.78 -7.98
CA LYS A 202 -11.08 11.87 -9.09
C LYS A 202 -11.74 10.57 -8.68
N GLY A 203 -12.22 10.49 -7.44
CA GLY A 203 -12.90 9.31 -6.97
C GLY A 203 -11.98 8.11 -6.77
N ILE A 204 -10.71 8.37 -6.45
CA ILE A 204 -9.73 7.34 -6.16
C ILE A 204 -9.44 7.39 -4.66
N VAL A 205 -9.56 6.24 -4.00
CA VAL A 205 -9.28 6.14 -2.58
C VAL A 205 -7.77 6.10 -2.36
N VAL A 206 -7.30 6.86 -1.38
CA VAL A 206 -5.88 6.89 -1.08
C VAL A 206 -5.61 6.03 0.14
N THR A 207 -4.61 5.15 0.02
CA THR A 207 -4.05 4.43 1.14
C THR A 207 -2.70 5.03 1.51
N ALA A 208 -2.54 5.34 2.80
CA ALA A 208 -1.31 5.86 3.38
C ALA A 208 -0.42 4.71 3.85
N TYR A 209 0.74 4.59 3.20
CA TYR A 209 1.75 3.66 3.67
C TYR A 209 2.83 4.37 4.47
N SER A 210 3.60 3.58 5.20
CA SER A 210 4.60 4.09 6.15
C SER A 210 4.05 5.18 7.07
N PRO A 211 2.87 4.94 7.68
CA PRO A 211 2.26 6.02 8.49
C PRO A 211 3.04 6.32 9.77
N LEU A 212 3.89 5.39 10.21
CA LEU A 212 4.72 5.61 11.38
C LEU A 212 6.12 6.07 10.98
N GLY A 213 6.33 6.34 9.69
CA GLY A 213 7.62 6.79 9.20
C GLY A 213 8.60 5.67 8.91
N SER A 214 8.13 4.42 8.89
CA SER A 214 8.99 3.28 8.53
C SER A 214 10.35 3.30 9.23
N PRO A 215 10.36 3.30 10.57
CA PRO A 215 11.64 3.36 11.28
C PRO A 215 12.53 2.15 11.02
N ASP A 216 11.94 1.04 10.58
CA ASP A 216 12.70 -0.17 10.25
C ASP A 216 13.14 -0.24 8.78
N ARG A 217 12.91 0.82 8.00
CA ARG A 217 13.38 0.84 6.62
C ARG A 217 14.89 0.60 6.59
N PRO A 218 15.37 -0.19 5.63
CA PRO A 218 16.76 -0.64 5.72
C PRO A 218 17.83 0.42 5.45
N TRP A 219 17.46 1.61 5.00
CA TRP A 219 18.41 2.67 4.69
C TRP A 219 18.29 3.86 5.63
N ALA A 220 17.57 3.69 6.73
CA ALA A 220 17.43 4.78 7.70
C ALA A 220 18.80 5.25 8.20
N LYS A 221 18.93 6.56 8.39
CA LYS A 221 20.16 7.15 8.90
C LYS A 221 19.88 7.78 10.27
N PRO A 222 20.91 7.87 11.13
CA PRO A 222 20.74 8.40 12.48
C PRO A 222 20.23 9.84 12.51
N GLU A 223 20.59 10.62 11.49
CA GLU A 223 20.18 12.02 11.45
C GLU A 223 18.78 12.21 10.86
N ASP A 224 18.19 11.12 10.36
CA ASP A 224 16.84 11.19 9.82
C ASP A 224 15.82 11.52 10.90
N PRO A 225 14.82 12.33 10.56
CA PRO A 225 13.68 12.58 11.46
C PRO A 225 12.96 11.30 11.85
N SER A 226 12.38 11.27 13.05
CA SER A 226 11.68 10.10 13.54
C SER A 226 10.34 10.48 14.15
N LEU A 227 9.26 10.11 13.46
CA LEU A 227 7.91 10.46 13.90
C LEU A 227 7.60 9.87 15.24
N LEU A 228 7.91 8.60 15.45
CA LEU A 228 7.48 7.94 16.67
C LEU A 228 8.12 8.57 17.90
N GLU A 229 9.28 9.19 17.72
CA GLU A 229 10.00 9.80 18.84
C GLU A 229 9.85 11.32 18.85
N ASP A 230 9.02 11.88 17.97
CA ASP A 230 8.83 13.33 17.89
C ASP A 230 8.15 13.80 19.18
N PRO A 231 8.81 14.67 19.96
CA PRO A 231 8.22 15.04 21.24
C PRO A 231 6.92 15.81 21.10
N ARG A 232 6.74 16.49 19.98
CA ARG A 232 5.51 17.24 19.73
C ARG A 232 4.32 16.31 19.53
N ILE A 233 4.55 15.21 18.82
CA ILE A 233 3.51 14.24 18.59
C ILE A 233 3.26 13.45 19.87
N LYS A 234 4.32 13.22 20.64
CA LYS A 234 4.20 12.59 21.95
C LYS A 234 3.26 13.39 22.85
N ALA A 235 3.36 14.71 22.75
CA ALA A 235 2.53 15.59 23.57
C ALA A 235 1.06 15.48 23.19
N ILE A 236 0.79 15.41 21.89
CA ILE A 236 -0.59 15.23 21.40
C ILE A 236 -1.13 13.89 21.89
N ALA A 237 -0.32 12.84 21.79
CA ALA A 237 -0.71 11.52 22.26
C ALA A 237 -1.03 11.51 23.76
N ALA A 238 -0.16 12.12 24.55
CA ALA A 238 -0.34 12.17 26.00
C ALA A 238 -1.66 12.83 26.39
N LYS A 239 -2.03 13.88 25.66
CA LYS A 239 -3.28 14.61 25.91
C LYS A 239 -4.50 13.72 25.73
N HIS A 240 -4.39 12.74 24.82
CA HIS A 240 -5.48 11.84 24.52
C HIS A 240 -5.39 10.50 25.25
N ASN A 241 -4.35 10.34 26.09
CA ASN A 241 -4.08 9.06 26.74
C ASN A 241 -3.92 7.94 25.71
N LYS A 242 -3.21 8.26 24.63
CA LYS A 242 -2.95 7.31 23.56
C LYS A 242 -1.45 7.31 23.29
N THR A 243 -0.98 6.33 22.51
CA THR A 243 0.42 6.32 22.14
C THR A 243 0.64 7.16 20.89
N THR A 244 1.90 7.51 20.65
N THR A 244 1.90 7.50 20.64
CA THR A 244 2.23 8.25 19.45
CA THR A 244 2.25 8.24 19.43
C THR A 244 1.83 7.47 18.19
C THR A 244 1.83 7.47 18.18
N ALA A 245 2.05 6.16 18.19
CA ALA A 245 1.61 5.32 17.07
C ALA A 245 0.11 5.43 16.82
N GLN A 246 -0.67 5.39 17.90
CA GLN A 246 -2.11 5.52 17.76
C GLN A 246 -2.52 6.86 17.15
N VAL A 247 -1.86 7.93 17.56
CA VAL A 247 -2.10 9.22 16.94
C VAL A 247 -1.75 9.20 15.45
N LEU A 248 -0.60 8.61 15.12
CA LEU A 248 -0.15 8.55 13.75
C LEU A 248 -1.06 7.72 12.86
N ILE A 249 -1.75 6.75 13.42
CA ILE A 249 -2.69 5.92 12.67
C ILE A 249 -4.04 6.63 12.52
N ARG A 250 -4.48 7.29 13.60
CA ARG A 250 -5.75 8.00 13.57
C ARG A 250 -5.72 9.18 12.61
N PHE A 251 -4.56 9.83 12.49
CA PHE A 251 -4.38 11.01 11.66
C PHE A 251 -4.89 10.80 10.21
N PRO A 252 -4.35 9.81 9.49
CA PRO A 252 -4.85 9.60 8.12
C PRO A 252 -6.30 9.16 8.08
N MET A 253 -6.76 8.43 9.09
CA MET A 253 -8.16 8.00 9.12
C MET A 253 -9.09 9.23 9.05
N GLN A 254 -8.71 10.30 9.73
CA GLN A 254 -9.54 11.51 9.77
C GLN A 254 -9.40 12.37 8.51
N ARG A 255 -8.51 11.96 7.60
CA ARG A 255 -8.39 12.60 6.30
C ARG A 255 -9.08 11.76 5.22
N ASN A 256 -9.88 10.80 5.65
N ASN A 256 -9.91 10.81 5.65
CA ASN A 256 -10.59 9.89 4.74
CA ASN A 256 -10.61 9.88 4.75
C ASN A 256 -9.62 9.06 3.91
C ASN A 256 -9.66 8.99 3.95
N LEU A 257 -8.52 8.66 4.55
CA LEU A 257 -7.56 7.74 3.96
C LEU A 257 -7.70 6.37 4.60
N VAL A 258 -7.26 5.36 3.86
CA VAL A 258 -6.98 4.05 4.40
C VAL A 258 -5.54 4.08 4.92
N VAL A 259 -5.24 3.30 5.97
CA VAL A 259 -3.90 3.32 6.55
C VAL A 259 -3.49 1.90 6.93
N ILE A 260 -2.21 1.58 6.72
CA ILE A 260 -1.71 0.21 6.83
C ILE A 260 -0.44 0.10 7.68
N PRO A 261 -0.52 0.44 8.97
CA PRO A 261 0.67 0.30 9.82
C PRO A 261 1.14 -1.15 9.90
N LYS A 262 2.45 -1.32 9.89
CA LYS A 262 3.07 -2.63 9.99
C LYS A 262 3.58 -2.89 11.41
N SER A 263 3.31 -4.09 11.90
CA SER A 263 4.03 -4.61 13.06
C SER A 263 4.01 -6.13 13.02
N VAL A 264 5.07 -6.72 13.57
CA VAL A 264 5.09 -8.14 13.91
C VAL A 264 5.05 -8.39 15.42
N THR A 265 4.95 -7.32 16.20
CA THR A 265 4.99 -7.45 17.66
C THR A 265 3.56 -7.53 18.17
N PRO A 266 3.15 -8.66 18.76
CA PRO A 266 1.73 -8.81 19.10
C PRO A 266 1.12 -7.66 19.91
N GLU A 267 1.84 -7.15 20.89
N GLU A 267 1.84 -7.15 20.90
CA GLU A 267 1.30 -6.05 21.71
CA GLU A 267 1.30 -6.05 21.70
C GLU A 267 1.07 -4.78 20.88
C GLU A 267 1.02 -4.83 20.82
N ARG A 268 1.92 -4.56 19.89
CA ARG A 268 1.78 -3.40 19.02
C ARG A 268 0.67 -3.61 17.99
N ILE A 269 0.55 -4.82 17.46
CA ILE A 269 -0.53 -5.12 16.54
C ILE A 269 -1.87 -4.78 17.20
N ALA A 270 -2.03 -5.20 18.45
CA ALA A 270 -3.26 -4.93 19.19
C ALA A 270 -3.43 -3.43 19.47
N GLU A 271 -2.36 -2.78 19.91
N GLU A 271 -2.36 -2.79 19.92
CA GLU A 271 -2.40 -1.36 20.22
CA GLU A 271 -2.34 -1.34 20.20
C GLU A 271 -2.78 -0.53 19.00
C GLU A 271 -2.80 -0.54 18.99
N ASN A 272 -2.23 -0.90 17.85
CA ASN A 272 -2.45 -0.16 16.62
C ASN A 272 -3.88 -0.22 16.12
N PHE A 273 -4.63 -1.24 16.55
CA PHE A 273 -6.02 -1.36 16.13
C PHE A 273 -6.95 -0.54 17.01
N LYS A 274 -6.48 -0.11 18.18
CA LYS A 274 -7.32 0.61 19.15
C LYS A 274 -7.33 2.09 18.87
N VAL A 275 -7.90 2.43 17.71
CA VAL A 275 -7.90 3.78 17.20
C VAL A 275 -9.30 4.22 16.77
N PHE A 276 -10.31 3.47 17.18
CA PHE A 276 -11.70 3.78 16.85
C PHE A 276 -12.47 4.35 18.06
N ASP A 277 -11.75 4.71 19.12
CA ASP A 277 -12.35 5.13 20.38
C ASP A 277 -11.92 6.52 20.82
N PHE A 278 -11.30 7.27 19.91
CA PHE A 278 -10.93 8.66 20.19
C PHE A 278 -10.90 9.46 18.90
N GLU A 279 -10.86 10.79 19.06
CA GLU A 279 -10.85 11.70 17.93
C GLU A 279 -9.76 12.75 18.11
N LEU A 280 -8.99 12.99 17.07
CA LEU A 280 -8.06 14.11 17.06
C LEU A 280 -8.87 15.38 16.80
N SER A 281 -8.56 16.43 17.55
CA SER A 281 -9.28 17.69 17.42
C SER A 281 -8.89 18.40 16.13
N SER A 282 -9.65 19.44 15.79
N SER A 282 -9.66 19.44 15.79
CA SER A 282 -9.31 20.27 14.64
CA SER A 282 -9.33 20.30 14.67
C SER A 282 -7.90 20.84 14.80
C SER A 282 -7.90 20.81 14.81
N GLN A 283 -7.57 21.27 16.01
CA GLN A 283 -6.23 21.79 16.29
C GLN A 283 -5.18 20.69 16.14
N ASP A 284 -5.45 19.50 16.66
CA ASP A 284 -4.51 18.38 16.51
C ASP A 284 -4.21 18.12 15.03
N MET A 285 -5.27 18.08 14.22
CA MET A 285 -5.12 17.80 12.80
C MET A 285 -4.30 18.88 12.12
N THR A 286 -4.62 20.13 12.44
CA THR A 286 -3.87 21.26 11.95
C THR A 286 -2.41 21.17 12.37
N THR A 287 -2.17 20.87 13.63
CA THR A 287 -0.81 20.78 14.13
C THR A 287 -0.02 19.67 13.42
N LEU A 288 -0.63 18.50 13.30
CA LEU A 288 0.06 17.40 12.62
C LEU A 288 0.35 17.70 11.16
N LEU A 289 -0.60 18.32 10.47
CA LEU A 289 -0.38 18.70 9.07
C LEU A 289 0.78 19.71 8.96
N SER A 290 0.93 20.55 9.99
CA SER A 290 1.95 21.60 9.98
C SER A 290 3.38 21.06 10.06
N TYR A 291 3.51 19.78 10.40
CA TYR A 291 4.84 19.18 10.52
C TYR A 291 5.42 18.73 9.17
N ASN A 292 4.66 18.93 8.09
CA ASN A 292 5.11 18.52 6.76
C ASN A 292 6.45 19.12 6.40
N ARG A 293 7.36 18.28 5.90
CA ARG A 293 8.66 18.72 5.45
C ARG A 293 8.97 18.18 4.06
N ASN A 294 7.97 17.57 3.43
CA ASN A 294 8.19 16.90 2.15
C ASN A 294 9.35 15.92 2.27
N TRP A 295 9.40 15.23 3.40
CA TRP A 295 10.46 14.28 3.70
C TRP A 295 10.00 12.86 3.39
N ARG A 296 10.67 12.20 2.44
N ARG A 296 10.45 12.45 2.23
CA ARG A 296 10.33 10.81 2.00
CA ARG A 296 10.03 11.21 1.66
C ARG A 296 11.13 9.61 2.58
C ARG A 296 11.08 10.21 2.07
N VAL A 297 10.40 8.59 3.04
N VAL A 297 10.66 9.11 2.69
CA VAL A 297 10.96 7.31 3.47
CA VAL A 297 11.58 8.08 3.12
C VAL A 297 11.33 6.45 2.28
C VAL A 297 11.67 6.91 2.15
N CYS A 298 10.43 6.42 1.31
N CYS A 298 10.64 6.76 1.31
CA CYS A 298 10.48 5.43 0.27
CA CYS A 298 10.55 5.59 0.47
C CYS A 298 10.81 6.01 -1.07
C CYS A 298 10.79 5.91 -1.01
N ALA A 299 12.06 5.77 -1.42
CA ALA A 299 12.49 5.98 -2.76
C ALA A 299 13.83 5.27 -2.85
N LEU A 300 14.37 5.21 -4.03
CA LEU A 300 15.61 4.51 -4.21
C LEU A 300 16.42 5.23 -5.27
N LEU A 301 17.61 5.69 -4.90
CA LEU A 301 18.44 6.53 -5.77
C LEU A 301 18.73 5.90 -7.12
N SER A 302 18.92 4.59 -7.09
CA SER A 302 19.25 3.85 -8.30
C SER A 302 18.13 3.86 -9.33
N CYS A 303 16.94 4.32 -8.94
CA CYS A 303 15.79 4.36 -9.83
C CYS A 303 15.51 5.76 -10.39
N THR A 304 16.31 6.75 -10.00
CA THR A 304 15.97 8.13 -10.32
C THR A 304 16.09 8.49 -11.79
N SER A 305 16.79 7.69 -12.58
N SER A 305 16.77 7.66 -12.57
CA SER A 305 16.88 7.93 -14.03
CA SER A 305 16.90 7.90 -14.00
C SER A 305 15.82 7.19 -14.83
C SER A 305 15.98 7.02 -14.83
N HIS A 306 15.04 6.33 -14.18
CA HIS A 306 14.02 5.58 -14.89
C HIS A 306 13.04 6.57 -15.50
N LYS A 307 12.60 6.31 -16.73
N LYS A 307 12.62 6.32 -16.74
CA LYS A 307 11.71 7.22 -17.43
CA LYS A 307 11.69 7.22 -17.42
C LYS A 307 10.37 7.44 -16.71
C LYS A 307 10.44 7.50 -16.59
N ASP A 308 10.00 6.49 -15.85
CA ASP A 308 8.76 6.57 -15.10
C ASP A 308 8.99 6.78 -13.60
N TYR A 309 10.20 7.20 -13.21
CA TYR A 309 10.43 7.54 -11.80
C TYR A 309 9.38 8.55 -11.35
N PRO A 310 8.67 8.29 -10.25
CA PRO A 310 7.48 9.11 -9.96
C PRO A 310 7.73 10.42 -9.24
N PHE A 311 8.90 10.62 -8.64
CA PHE A 311 9.04 11.69 -7.66
C PHE A 311 9.80 12.93 -8.13
N HIS A 312 10.05 13.05 -9.42
CA HIS A 312 10.55 14.31 -9.98
C HIS A 312 9.45 15.36 -10.00
N GLU A 313 8.23 14.94 -10.35
CA GLU A 313 7.09 15.84 -10.35
C GLU A 313 6.80 16.34 -8.95
N GLU A 314 6.27 17.56 -8.84
CA GLU A 314 5.90 18.10 -7.54
C GLU A 314 4.94 17.17 -6.81
N PHE A 315 3.95 16.65 -7.54
CA PHE A 315 3.01 15.69 -6.98
C PHE A 315 2.39 14.83 -8.08
PA NAP B . 5.38 1.76 9.30
O1A NAP B . 5.37 3.25 9.17
O2A NAP B . 4.11 0.98 9.35
O5B NAP B . 6.33 1.42 10.56
C5B NAP B . 6.64 0.07 10.87
C4B NAP B . 7.65 0.09 12.00
O4B NAP B . 7.05 0.66 13.18
C3B NAP B . 8.19 -1.27 12.40
O3B NAP B . 9.56 -1.12 12.75
C2B NAP B . 7.37 -1.60 13.63
O2B NAP B . 8.07 -2.46 14.53
C1B NAP B . 7.16 -0.25 14.27
N9A NAP B . 5.91 -0.13 15.06
C8A NAP B . 4.70 -0.56 14.67
N7A NAP B . 3.77 -0.28 15.60
C5A NAP B . 4.43 0.36 16.58
C6A NAP B . 4.01 0.88 17.80
N6A NAP B . 2.72 0.80 18.20
N1A NAP B . 4.93 1.46 18.59
C2A NAP B . 6.22 1.52 18.20
N3A NAP B . 6.70 1.04 17.06
C4A NAP B . 5.79 0.45 16.25
O3 NAP B . 6.32 1.23 8.11
PN NAP B . 6.17 0.47 6.71
O1N NAP B . 6.27 -1.00 6.92
O2N NAP B . 7.13 1.14 5.79
O5D NAP B . 4.71 0.88 6.15
C5D NAP B . 3.54 0.10 6.46
C4D NAP B . 3.17 -0.81 5.31
O4D NAP B . 2.86 -0.08 4.13
C3D NAP B . 4.24 -1.78 4.84
O3D NAP B . 4.52 -2.83 5.76
C2D NAP B . 3.67 -2.21 3.51
O2D NAP B . 2.61 -3.13 3.78
C1D NAP B . 3.15 -0.87 2.98
N1N NAP B . 4.14 -0.17 2.14
C2N NAP B . 3.93 -0.10 0.82
C3N NAP B . 4.83 0.50 -0.03
C7N NAP B . 4.56 0.64 -1.50
O7N NAP B . 5.47 0.99 -2.25
N7N NAP B . 3.30 0.44 -1.90
C4N NAP B . 5.99 1.05 0.49
C5N NAP B . 6.19 1.01 1.87
C6N NAP B . 5.26 0.41 2.67
P2B NAP B . 7.73 -4.03 14.72
O1X NAP B . 7.16 -4.54 13.43
O2X NAP B . 9.09 -4.61 15.05
O3X NAP B . 6.75 -4.08 15.87
C1 2X9 C . 10.73 -3.71 -0.69
C2 2X9 C . 11.07 -2.28 -0.92
C3 2X9 C . 11.86 0.28 -1.47
F4 2X9 C . 11.16 4.37 -8.56
C5 2X9 C . 10.17 -1.25 -0.71
C6 2X9 C . 10.57 0.04 -0.99
C7 2X9 C . 12.74 -0.77 -1.61
N8 2X9 C . 12.33 -2.02 -1.33
C9 2X9 C . 8.76 -1.50 -0.22
C11 2X9 C . 14.18 -0.56 -1.97
C12 2X9 C . 12.21 1.68 -1.86
F13 2X9 C . 11.88 5.02 -6.04
C20 2X9 C . 7.73 -1.51 -1.33
O23 2X9 C . 8.10 -1.28 -2.50
O24 2X9 C . 6.55 -1.78 -0.97
C28 2X9 C . 11.88 1.84 -3.35
N29 2X9 C . 11.95 2.98 -4.05
S30 2X9 C . 11.37 0.46 -4.31
C32 2X9 C . 11.29 1.49 -5.68
C33 2X9 C . 11.20 3.42 -7.62
C34 2X9 C . 10.92 1.15 -6.99
C35 2X9 C . 11.62 2.81 -5.36
C36 2X9 C . 11.58 3.75 -6.34
C37 2X9 C . 10.88 2.13 -7.97
F38 2X9 C . 10.62 -0.12 -7.29
#